data_1EUR
#
_entry.id   1EUR
#
_cell.length_a   48.140
_cell.length_b   82.730
_cell.length_c   84.750
_cell.angle_alpha   90.00
_cell.angle_beta   90.00
_cell.angle_gamma   90.00
#
_symmetry.space_group_name_H-M   'P 21 21 21'
#
loop_
_entity.id
_entity.type
_entity.pdbx_description
1 polymer SIALIDASE
2 water water
#
_entity_poly.entity_id   1
_entity_poly.type   'polypeptide(L)'
_entity_poly.pdbx_seq_one_letter_code
;VPPGGEPLYTEQDLAVNGREGFPNYRIPALTVTPDGDLLASYDGRPTGIDAPGPNSILQRRSTDGGRTWGEQQVVSAGQT
TAPIKGFSDPSYLVDRETGTIFNFHVYSQRQGFAGSRPGTDPADPNVLHANVATSTDGGLTWSHRTITADITPDPGWRSR
FAASGEGIQLRYGPHAGRLIQQYTIINAAGAFQAVSVYSDDHGRTWRAGEAVGVGMDENKTVELSDGRVLLNSRDSARSG
YRKVAVSTDGGHSYGPVTIDRDLPDPTNNASIIRAFPDAPAGSARAKVLLFSNAASQTSRSQGTIRMSCDDGQTWPVSKV
FQPGSMSYSTLTALPDGTYGLLYEPGTGIRYANFNLAWLGGICAP
;
_entity_poly.pdbx_strand_id   A
#
# COMPACT_ATOMS: atom_id res chain seq x y z
N GLY A 5 -2.48 28.75 -6.29
CA GLY A 5 -1.12 28.78 -6.80
C GLY A 5 -1.15 28.31 -8.23
N GLU A 6 0.00 27.99 -8.80
CA GLU A 6 0.05 27.51 -10.18
C GLU A 6 -0.05 26.00 -10.11
N PRO A 7 -1.10 25.44 -10.72
CA PRO A 7 -1.25 23.99 -10.71
C PRO A 7 -0.05 23.27 -11.34
N LEU A 8 0.25 22.09 -10.80
CA LEU A 8 1.36 21.31 -11.25
C LEU A 8 0.97 19.86 -11.43
N TYR A 9 1.34 19.32 -12.58
CA TYR A 9 1.13 17.90 -12.85
C TYR A 9 2.15 17.42 -13.86
N THR A 10 3.02 16.52 -13.42
CA THR A 10 4.02 15.99 -14.33
C THR A 10 4.17 14.50 -14.03
N GLU A 11 4.63 13.73 -15.01
CA GLU A 11 4.81 12.30 -14.80
C GLU A 11 5.93 11.75 -15.68
N GLN A 12 6.50 10.62 -15.27
CA GLN A 12 7.58 9.98 -16.01
C GLN A 12 7.61 8.51 -15.64
N ASP A 13 7.92 7.66 -16.61
CA ASP A 13 7.96 6.23 -16.34
C ASP A 13 9.20 5.86 -15.55
N LEU A 14 9.04 4.98 -14.56
CA LEU A 14 10.17 4.51 -13.77
C LEU A 14 10.57 3.10 -14.22
N ALA A 15 9.62 2.37 -14.82
CA ALA A 15 9.89 1.02 -15.31
C ALA A 15 8.97 0.70 -16.46
N VAL A 16 9.52 0.19 -17.56
CA VAL A 16 8.67 -0.15 -18.69
C VAL A 16 8.97 -1.60 -19.03
N ASN A 17 7.90 -2.37 -19.21
CA ASN A 17 7.97 -3.78 -19.52
C ASN A 17 8.93 -4.11 -20.64
N GLY A 18 9.86 -5.03 -20.35
CA GLY A 18 10.84 -5.44 -21.34
C GLY A 18 12.16 -4.72 -21.24
N ARG A 19 12.21 -3.64 -20.49
CA ARG A 19 13.45 -2.90 -20.36
C ARG A 19 14.04 -3.02 -18.97
N GLU A 20 15.37 -3.01 -18.91
CA GLU A 20 16.10 -3.08 -17.66
C GLU A 20 16.16 -4.46 -16.98
N GLY A 21 15.94 -5.52 -17.75
CA GLY A 21 16.05 -6.85 -17.20
C GLY A 21 14.82 -7.70 -16.91
N PHE A 22 13.63 -7.13 -17.01
CA PHE A 22 12.41 -7.89 -16.73
C PHE A 22 11.38 -7.64 -17.81
N PRO A 23 10.67 -8.70 -18.24
CA PRO A 23 9.66 -8.51 -19.29
C PRO A 23 8.37 -7.85 -18.76
N ASN A 24 8.22 -7.78 -17.44
CA ASN A 24 7.00 -7.23 -16.88
C ASN A 24 7.26 -6.64 -15.49
N TYR A 25 6.63 -5.49 -15.22
CA TYR A 25 6.77 -4.82 -13.92
C TYR A 25 5.37 -4.49 -13.43
N ARG A 26 5.13 -4.64 -12.13
CA ARG A 26 3.82 -4.35 -11.55
C ARG A 26 3.91 -4.13 -10.05
N ILE A 27 2.84 -3.57 -9.50
CA ILE A 27 2.64 -3.37 -8.05
C ILE A 27 3.52 -2.30 -7.42
N PRO A 28 3.02 -1.04 -7.43
CA PRO A 28 3.78 0.06 -6.85
C PRO A 28 3.69 0.28 -5.34
N ALA A 29 4.79 0.80 -4.79
CA ALA A 29 4.93 1.14 -3.37
C ALA A 29 5.83 2.38 -3.44
N LEU A 30 5.50 3.41 -2.67
CA LEU A 30 6.22 4.68 -2.71
C LEU A 30 6.31 5.25 -1.31
N THR A 31 7.43 5.91 -1.01
CA THR A 31 7.61 6.54 0.30
C THR A 31 8.70 7.59 0.24
N VAL A 32 8.83 8.35 1.32
CA VAL A 32 9.85 9.39 1.42
C VAL A 32 10.65 9.04 2.68
N THR A 33 11.97 9.00 2.54
CA THR A 33 12.84 8.68 3.67
C THR A 33 12.97 9.89 4.61
N PRO A 34 13.45 9.66 5.84
CA PRO A 34 13.62 10.76 6.79
C PRO A 34 14.52 11.84 6.20
N ASP A 35 15.47 11.43 5.35
CA ASP A 35 16.38 12.36 4.70
C ASP A 35 15.72 13.15 3.60
N GLY A 36 14.57 12.68 3.14
CA GLY A 36 13.87 13.38 2.07
C GLY A 36 13.98 12.70 0.72
N ASP A 37 14.63 11.54 0.68
CA ASP A 37 14.76 10.81 -0.58
C ASP A 37 13.43 10.11 -0.89
N LEU A 38 13.12 9.98 -2.18
CA LEU A 38 11.91 9.28 -2.59
C LEU A 38 12.33 7.87 -2.98
N LEU A 39 11.57 6.87 -2.51
CA LEU A 39 11.83 5.47 -2.83
C LEU A 39 10.61 4.90 -3.53
N ALA A 40 10.84 4.25 -4.67
CA ALA A 40 9.78 3.60 -5.45
C ALA A 40 10.13 2.12 -5.48
N SER A 41 9.17 1.27 -5.15
CA SER A 41 9.41 -0.17 -5.14
C SER A 41 8.30 -0.82 -5.95
N TYR A 42 8.61 -1.97 -6.57
CA TYR A 42 7.65 -2.70 -7.39
C TYR A 42 8.22 -4.08 -7.73
N ASP A 43 7.39 -4.94 -8.30
CA ASP A 43 7.81 -6.29 -8.70
C ASP A 43 8.49 -6.29 -10.06
N GLY A 44 9.46 -7.18 -10.19
CA GLY A 44 10.13 -7.45 -11.44
C GLY A 44 9.55 -8.84 -11.61
N ARG A 45 8.88 -9.13 -12.72
CA ARG A 45 8.19 -10.42 -12.91
C ARG A 45 8.66 -11.19 -14.14
N PRO A 46 9.54 -12.18 -13.94
CA PRO A 46 10.09 -12.99 -15.03
C PRO A 46 9.04 -13.74 -15.86
N THR A 47 7.92 -14.10 -15.25
CA THR A 47 6.88 -14.80 -15.96
C THR A 47 5.55 -14.04 -15.98
N GLY A 48 5.62 -12.72 -15.76
CA GLY A 48 4.46 -11.85 -15.78
C GLY A 48 3.27 -12.30 -14.96
N ILE A 49 3.54 -12.83 -13.77
CA ILE A 49 2.49 -13.37 -12.94
C ILE A 49 2.68 -13.03 -11.44
N ASP A 50 1.61 -13.13 -10.66
CA ASP A 50 1.68 -12.91 -9.20
C ASP A 50 2.27 -14.19 -8.60
N ALA A 51 2.48 -14.20 -7.29
CA ALA A 51 3.01 -15.40 -6.60
C ALA A 51 2.15 -16.57 -7.07
N PRO A 52 2.73 -17.77 -7.20
CA PRO A 52 4.13 -18.18 -7.01
C PRO A 52 5.15 -17.85 -8.10
N GLY A 53 4.90 -16.81 -8.90
CA GLY A 53 5.88 -16.42 -9.90
C GLY A 53 7.19 -16.13 -9.18
N PRO A 54 8.36 -16.43 -9.78
CA PRO A 54 9.64 -16.17 -9.13
C PRO A 54 10.01 -14.70 -9.27
N ASN A 55 9.21 -13.85 -8.63
CA ASN A 55 9.40 -12.41 -8.72
C ASN A 55 10.46 -11.85 -7.77
N SER A 56 10.90 -10.62 -8.07
CA SER A 56 11.87 -9.92 -7.25
C SER A 56 11.26 -8.57 -6.83
N ILE A 57 11.69 -8.05 -5.68
CA ILE A 57 11.24 -6.74 -5.19
C ILE A 57 12.35 -5.78 -5.62
N LEU A 58 12.00 -4.75 -6.39
CA LEU A 58 12.97 -3.80 -6.90
C LEU A 58 12.75 -2.43 -6.29
N GLN A 59 13.75 -1.57 -6.40
CA GLN A 59 13.67 -0.23 -5.85
C GLN A 59 14.48 0.79 -6.64
N ARG A 60 13.94 2.00 -6.76
CA ARG A 60 14.61 3.12 -7.42
C ARG A 60 14.52 4.25 -6.43
N ARG A 61 15.54 5.10 -6.42
CA ARG A 61 15.61 6.20 -5.50
C ARG A 61 15.81 7.56 -6.15
N SER A 62 15.19 8.59 -5.59
CA SER A 62 15.37 9.95 -6.10
C SER A 62 15.88 10.82 -4.97
N THR A 63 16.97 11.54 -5.23
CA THR A 63 17.57 12.42 -4.24
C THR A 63 17.32 13.89 -4.54
N ASP A 64 16.58 14.17 -5.60
CA ASP A 64 16.30 15.56 -5.96
C ASP A 64 14.80 15.87 -6.03
N GLY A 65 14.05 15.28 -5.11
CA GLY A 65 12.62 15.50 -5.04
C GLY A 65 11.77 14.82 -6.10
N GLY A 66 12.30 13.82 -6.79
CA GLY A 66 11.51 13.13 -7.80
C GLY A 66 11.78 13.49 -9.26
N ARG A 67 12.67 14.44 -9.50
CA ARG A 67 13.00 14.84 -10.87
C ARG A 67 13.80 13.77 -11.58
N THR A 68 14.81 13.24 -10.88
CA THR A 68 15.71 12.23 -11.42
C THR A 68 15.72 11.00 -10.53
N TRP A 69 15.84 9.83 -11.15
CA TRP A 69 15.84 8.55 -10.41
C TRP A 69 17.09 7.73 -10.70
N GLY A 70 17.66 7.14 -9.64
CA GLY A 70 18.86 6.33 -9.75
C GLY A 70 18.58 4.98 -10.37
N GLU A 71 19.56 4.09 -10.35
CA GLU A 71 19.36 2.78 -10.97
C GLU A 71 18.50 1.84 -10.15
N GLN A 72 17.90 0.90 -10.86
CA GLN A 72 17.05 -0.11 -10.28
C GLN A 72 17.92 -1.06 -9.47
N GLN A 73 17.60 -1.21 -8.19
CA GLN A 73 18.35 -2.09 -7.31
C GLN A 73 17.41 -3.19 -6.81
N VAL A 74 17.96 -4.32 -6.42
CA VAL A 74 17.15 -5.45 -5.94
C VAL A 74 17.09 -5.46 -4.42
N VAL A 75 15.88 -5.51 -3.87
CA VAL A 75 15.67 -5.58 -2.43
C VAL A 75 15.65 -7.09 -2.08
N SER A 76 14.78 -7.85 -2.75
CA SER A 76 14.66 -9.28 -2.52
C SER A 76 14.68 -9.98 -3.87
N ALA A 77 15.69 -10.82 -4.08
CA ALA A 77 15.85 -11.53 -5.34
C ALA A 77 15.13 -12.87 -5.40
N GLY A 78 14.25 -13.04 -6.38
CA GLY A 78 13.53 -14.29 -6.54
C GLY A 78 14.48 -15.28 -7.16
N GLN A 79 14.09 -16.56 -7.18
CA GLN A 79 14.93 -17.61 -7.76
C GLN A 79 14.15 -18.32 -8.86
N THR A 80 14.59 -18.15 -10.10
CA THR A 80 13.91 -18.76 -11.25
C THR A 80 14.21 -20.25 -11.48
N THR A 81 15.29 -20.75 -10.91
CA THR A 81 15.62 -22.16 -11.06
C THR A 81 15.21 -22.87 -9.77
N ALA A 82 14.77 -24.12 -9.87
CA ALA A 82 14.35 -24.88 -8.70
C ALA A 82 15.52 -25.00 -7.72
N PRO A 83 15.27 -24.83 -6.39
CA PRO A 83 13.98 -24.53 -5.77
C PRO A 83 13.52 -23.10 -6.05
N ILE A 84 12.39 -22.98 -6.74
CA ILE A 84 11.87 -21.65 -7.09
C ILE A 84 11.38 -20.87 -5.88
N LYS A 85 11.69 -19.57 -5.87
CA LYS A 85 11.28 -18.69 -4.79
C LYS A 85 10.87 -17.35 -5.42
N GLY A 86 9.90 -16.67 -4.82
CA GLY A 86 9.48 -15.39 -5.35
C GLY A 86 9.17 -14.42 -4.24
N PHE A 87 9.34 -13.14 -4.52
CA PHE A 87 9.05 -12.06 -3.59
C PHE A 87 8.23 -11.03 -4.37
N SER A 88 7.02 -10.74 -3.88
CA SER A 88 6.10 -9.85 -4.56
C SER A 88 5.27 -8.96 -3.65
N ASP A 89 4.61 -7.98 -4.28
CA ASP A 89 3.68 -7.05 -3.63
C ASP A 89 4.25 -6.26 -2.48
N PRO A 90 5.09 -5.26 -2.79
CA PRO A 90 5.70 -4.45 -1.74
C PRO A 90 4.84 -3.37 -1.12
N SER A 91 5.12 -3.10 0.15
CA SER A 91 4.46 -2.02 0.87
C SER A 91 5.54 -1.41 1.78
N TYR A 92 5.76 -0.11 1.65
CA TYR A 92 6.72 0.59 2.49
C TYR A 92 6.04 1.08 3.76
N LEU A 93 6.82 1.28 4.81
CA LEU A 93 6.32 1.78 6.08
C LEU A 93 7.54 2.42 6.74
N VAL A 94 7.45 3.71 7.04
CA VAL A 94 8.55 4.44 7.64
C VAL A 94 8.21 4.83 9.06
N ASP A 95 9.10 4.50 9.99
CA ASP A 95 8.93 4.87 11.38
C ASP A 95 9.60 6.23 11.44
N ARG A 96 8.79 7.29 11.46
CA ARG A 96 9.30 8.65 11.50
C ARG A 96 9.97 8.98 12.82
N GLU A 97 9.67 8.22 13.87
CA GLU A 97 10.27 8.46 15.16
C GLU A 97 11.72 7.97 15.20
N THR A 98 11.96 6.77 14.69
CA THR A 98 13.31 6.20 14.70
C THR A 98 14.07 6.35 13.39
N GLY A 99 13.35 6.56 12.30
CA GLY A 99 14.00 6.69 10.99
C GLY A 99 14.17 5.36 10.26
N THR A 100 13.57 4.29 10.80
CA THR A 100 13.66 2.97 10.20
C THR A 100 12.65 2.81 9.08
N ILE A 101 13.03 2.13 8.00
CA ILE A 101 12.15 1.92 6.86
C ILE A 101 11.91 0.42 6.73
N PHE A 102 10.66 0.04 6.47
CA PHE A 102 10.29 -1.37 6.32
C PHE A 102 9.68 -1.57 4.94
N ASN A 103 9.93 -2.74 4.35
CA ASN A 103 9.35 -3.07 3.06
C ASN A 103 8.73 -4.46 3.25
N PHE A 104 7.41 -4.52 3.28
CA PHE A 104 6.70 -5.79 3.47
C PHE A 104 6.45 -6.42 2.13
N HIS A 105 6.50 -7.74 2.06
CA HIS A 105 6.22 -8.45 0.82
C HIS A 105 6.07 -9.92 1.05
N VAL A 106 5.47 -10.55 0.05
CA VAL A 106 5.22 -11.97 0.01
C VAL A 106 6.53 -12.75 -0.21
N TYR A 107 6.59 -13.96 0.35
CA TYR A 107 7.71 -14.88 0.12
C TYR A 107 7.01 -16.18 -0.30
N SER A 108 7.07 -16.49 -1.59
CA SER A 108 6.42 -17.68 -2.11
C SER A 108 7.40 -18.76 -2.55
N GLN A 109 6.93 -19.99 -2.59
CA GLN A 109 7.72 -21.11 -3.05
C GLN A 109 6.84 -21.86 -4.05
N ARG A 110 6.04 -22.82 -3.56
CA ARG A 110 5.15 -23.58 -4.44
C ARG A 110 3.74 -22.99 -4.58
N GLN A 111 3.29 -22.24 -3.57
CA GLN A 111 1.93 -21.72 -3.59
C GLN A 111 1.74 -20.20 -3.63
N GLY A 112 0.63 -19.79 -4.21
CA GLY A 112 0.28 -18.37 -4.26
C GLY A 112 -0.73 -18.13 -3.14
N PHE A 113 -1.44 -17.01 -3.19
CA PHE A 113 -2.42 -16.65 -2.17
C PHE A 113 -3.55 -17.67 -2.03
N ALA A 114 -4.19 -17.99 -3.15
CA ALA A 114 -5.30 -18.94 -3.12
C ALA A 114 -4.93 -20.37 -2.72
N GLY A 115 -3.72 -20.81 -3.08
CA GLY A 115 -3.32 -22.19 -2.77
C GLY A 115 -2.58 -22.47 -1.47
N SER A 116 -2.24 -21.41 -0.73
CA SER A 116 -1.52 -21.56 0.53
C SER A 116 -2.23 -22.48 1.53
N ARG A 117 -1.44 -23.33 2.17
CA ARG A 117 -1.95 -24.26 3.18
C ARG A 117 -1.70 -23.67 4.56
N PRO A 118 -2.43 -24.16 5.58
CA PRO A 118 -2.22 -23.63 6.93
C PRO A 118 -0.81 -24.03 7.37
N GLY A 119 -0.22 -23.27 8.27
CA GLY A 119 1.11 -23.61 8.70
C GLY A 119 1.92 -22.34 8.77
N THR A 120 3.00 -22.39 9.52
CA THR A 120 3.79 -21.19 9.76
C THR A 120 5.33 -21.38 9.63
N ASP A 121 5.73 -22.60 9.33
CA ASP A 121 7.14 -22.97 9.18
C ASP A 121 7.74 -22.34 7.94
N PRO A 122 8.79 -21.51 8.10
CA PRO A 122 9.43 -20.86 6.95
C PRO A 122 9.93 -21.86 5.90
N ALA A 123 10.23 -23.08 6.35
CA ALA A 123 10.74 -24.12 5.46
C ALA A 123 9.63 -24.86 4.70
N ASP A 124 8.37 -24.63 5.06
CA ASP A 124 7.26 -25.28 4.38
C ASP A 124 6.98 -24.54 3.07
N PRO A 125 7.20 -25.23 1.92
CA PRO A 125 7.00 -24.65 0.58
C PRO A 125 5.54 -24.51 0.12
N ASN A 126 4.62 -25.00 0.94
CA ASN A 126 3.20 -24.93 0.60
C ASN A 126 2.49 -23.75 1.22
N VAL A 127 3.20 -22.94 2.00
CA VAL A 127 2.53 -21.77 2.57
C VAL A 127 3.09 -20.48 1.96
N LEU A 128 2.22 -19.48 1.84
CA LEU A 128 2.63 -18.17 1.33
C LEU A 128 3.09 -17.44 2.59
N HIS A 129 4.38 -17.15 2.67
CA HIS A 129 4.91 -16.49 3.84
C HIS A 129 4.87 -14.98 3.79
N ALA A 130 4.88 -14.36 4.97
CA ALA A 130 4.87 -12.91 5.08
C ALA A 130 6.30 -12.53 5.49
N ASN A 131 6.96 -11.73 4.67
CA ASN A 131 8.31 -11.26 4.94
C ASN A 131 8.32 -9.74 5.16
N VAL A 132 9.34 -9.25 5.86
CA VAL A 132 9.53 -7.81 6.06
C VAL A 132 11.02 -7.58 5.93
N ALA A 133 11.43 -6.55 5.17
CA ALA A 133 12.83 -6.21 5.03
C ALA A 133 12.94 -4.89 5.82
N THR A 134 13.99 -4.75 6.62
CA THR A 134 14.18 -3.58 7.45
C THR A 134 15.49 -2.89 7.09
N SER A 135 15.42 -1.57 6.94
CA SER A 135 16.61 -0.78 6.64
C SER A 135 16.75 0.38 7.62
N THR A 136 17.97 0.55 8.15
CA THR A 136 18.25 1.64 9.06
C THR A 136 19.18 2.66 8.43
N ASP A 137 19.45 2.49 7.13
CA ASP A 137 20.33 3.43 6.43
C ASP A 137 19.65 4.08 5.23
N GLY A 138 18.38 4.43 5.41
CA GLY A 138 17.62 5.08 4.35
C GLY A 138 17.30 4.24 3.13
N GLY A 139 17.21 2.93 3.30
CA GLY A 139 16.88 2.07 2.17
C GLY A 139 18.06 1.57 1.35
N LEU A 140 19.28 1.78 1.84
CA LEU A 140 20.47 1.31 1.15
C LEU A 140 20.70 -0.20 1.30
N THR A 141 20.70 -0.70 2.53
CA THR A 141 20.89 -2.13 2.77
C THR A 141 19.70 -2.62 3.57
N TRP A 142 19.46 -3.94 3.52
CA TRP A 142 18.30 -4.53 4.20
C TRP A 142 18.57 -5.83 4.96
N SER A 143 17.85 -6.03 6.07
CA SER A 143 17.92 -7.25 6.87
C SER A 143 16.51 -7.85 6.66
N HIS A 144 16.40 -9.15 6.49
CA HIS A 144 15.12 -9.79 6.21
C HIS A 144 14.60 -10.71 7.31
N ARG A 145 13.28 -10.81 7.40
CA ARG A 145 12.64 -11.65 8.39
C ARG A 145 11.34 -12.22 7.84
N THR A 146 11.09 -13.48 8.14
CA THR A 146 9.83 -14.12 7.78
C THR A 146 9.06 -14.01 9.10
N ILE A 147 7.91 -13.36 9.07
CA ILE A 147 7.14 -13.14 10.29
C ILE A 147 5.80 -13.85 10.32
N THR A 148 5.59 -14.83 9.43
CA THR A 148 4.32 -15.53 9.37
C THR A 148 3.81 -16.01 10.73
N ALA A 149 4.68 -16.66 11.49
CA ALA A 149 4.31 -17.16 12.80
C ALA A 149 3.83 -16.07 13.75
N ASP A 150 4.50 -14.92 13.71
CA ASP A 150 4.16 -13.80 14.59
C ASP A 150 2.80 -13.17 14.33
N ILE A 151 2.34 -13.24 13.09
CA ILE A 151 1.08 -12.62 12.68
C ILE A 151 -0.04 -13.59 12.31
N THR A 152 0.03 -14.81 12.83
CA THR A 152 -0.98 -15.83 12.58
C THR A 152 -1.46 -16.36 13.93
N PRO A 153 -2.25 -15.55 14.67
CA PRO A 153 -2.74 -15.99 15.98
C PRO A 153 -3.79 -17.11 15.91
N ASP A 154 -4.46 -17.20 14.77
CA ASP A 154 -5.50 -18.22 14.59
C ASP A 154 -4.91 -19.22 13.62
N PRO A 155 -4.72 -20.48 14.06
CA PRO A 155 -4.16 -21.53 13.21
C PRO A 155 -4.99 -21.78 11.95
N GLY A 156 -6.20 -21.26 11.93
CA GLY A 156 -7.09 -21.40 10.79
C GLY A 156 -6.76 -20.46 9.64
N TRP A 157 -6.04 -19.37 9.93
CA TRP A 157 -5.63 -18.39 8.88
C TRP A 157 -4.69 -19.20 7.99
N ARG A 158 -5.12 -19.59 6.78
CA ARG A 158 -4.22 -20.37 5.95
C ARG A 158 -3.42 -19.59 4.91
N SER A 159 -3.67 -18.30 4.78
CA SER A 159 -2.95 -17.51 3.80
C SER A 159 -3.06 -16.06 4.16
N ARG A 160 -2.09 -15.27 3.69
CA ARG A 160 -2.10 -13.83 3.92
C ARG A 160 -1.11 -13.12 3.03
N PHE A 161 -1.37 -11.83 2.81
CA PHE A 161 -0.42 -11.00 2.06
C PHE A 161 -0.67 -9.54 2.40
N ALA A 162 0.41 -8.79 2.55
CA ALA A 162 0.37 -7.37 2.88
C ALA A 162 -0.17 -6.64 1.67
N ALA A 163 -1.07 -5.69 1.90
CA ALA A 163 -1.63 -4.90 0.79
C ALA A 163 -0.51 -4.00 0.29
N SER A 164 -0.18 -4.09 -1.00
CA SER A 164 0.89 -3.26 -1.55
C SER A 164 0.55 -1.78 -1.49
N GLY A 165 1.57 -0.96 -1.29
CA GLY A 165 1.37 0.47 -1.21
C GLY A 165 2.24 1.03 -0.13
N GLU A 166 1.63 1.68 0.85
CA GLU A 166 2.38 2.25 1.95
C GLU A 166 1.52 2.24 3.23
N GLY A 167 2.14 1.82 4.33
CA GLY A 167 1.48 1.76 5.63
C GLY A 167 1.59 3.07 6.36
N ILE A 168 1.18 3.10 7.63
CA ILE A 168 1.20 4.34 8.40
C ILE A 168 1.75 4.21 9.81
N GLN A 169 1.96 5.35 10.45
CA GLN A 169 2.39 5.38 11.83
C GLN A 169 1.45 6.38 12.50
N LEU A 170 0.78 5.93 13.56
CA LEU A 170 -0.16 6.81 14.29
C LEU A 170 0.58 7.97 14.96
N ARG A 171 -0.03 9.14 14.89
CA ARG A 171 0.53 10.33 15.48
C ARG A 171 -0.22 10.78 16.73
N TYR A 172 -1.50 10.37 16.86
CA TYR A 172 -2.32 10.77 17.99
C TYR A 172 -2.67 9.67 18.98
N GLY A 173 -3.23 10.10 20.10
CA GLY A 173 -3.73 9.21 21.13
C GLY A 173 -2.80 8.30 21.88
N PRO A 174 -3.38 7.33 22.60
CA PRO A 174 -2.68 6.34 23.42
C PRO A 174 -1.76 5.41 22.65
N HIS A 175 -1.98 5.28 21.34
CA HIS A 175 -1.14 4.40 20.55
C HIS A 175 -0.23 5.14 19.57
N ALA A 176 0.01 6.43 19.84
CA ALA A 176 0.89 7.25 19.00
C ALA A 176 2.22 6.50 18.84
N GLY A 177 2.76 6.45 17.63
CA GLY A 177 4.00 5.75 17.41
C GLY A 177 3.77 4.37 16.80
N ARG A 178 2.57 3.83 16.97
CA ARG A 178 2.24 2.52 16.42
C ARG A 178 2.36 2.48 14.87
N LEU A 179 2.98 1.43 14.38
CA LEU A 179 3.17 1.20 12.95
C LEU A 179 2.07 0.25 12.51
N ILE A 180 1.35 0.58 11.45
CA ILE A 180 0.27 -0.28 10.97
C ILE A 180 0.40 -0.62 9.49
N GLN A 181 0.36 -1.92 9.19
CA GLN A 181 0.43 -2.41 7.82
C GLN A 181 -0.79 -3.33 7.62
N GLN A 182 -1.56 -3.11 6.56
CA GLN A 182 -2.74 -3.94 6.32
C GLN A 182 -2.43 -5.23 5.58
N TYR A 183 -3.17 -6.27 5.92
CA TYR A 183 -3.05 -7.57 5.28
C TYR A 183 -4.46 -8.07 4.92
N THR A 184 -4.49 -9.06 4.03
CA THR A 184 -5.72 -9.76 3.67
C THR A 184 -5.38 -11.19 4.05
N ILE A 185 -6.31 -11.90 4.67
CA ILE A 185 -6.07 -13.29 5.05
C ILE A 185 -7.22 -14.14 4.52
N ILE A 186 -7.02 -15.45 4.49
CA ILE A 186 -8.06 -16.37 4.08
C ILE A 186 -8.26 -17.22 5.35
N ASN A 187 -9.48 -17.22 5.91
CA ASN A 187 -9.72 -18.02 7.10
C ASN A 187 -10.03 -19.49 6.77
N ALA A 188 -10.34 -20.27 7.80
CA ALA A 188 -10.66 -21.69 7.63
C ALA A 188 -11.83 -21.97 6.69
N ALA A 189 -12.85 -21.12 6.72
CA ALA A 189 -14.02 -21.31 5.86
C ALA A 189 -13.75 -20.90 4.41
N GLY A 190 -12.64 -20.19 4.20
CA GLY A 190 -12.31 -19.74 2.86
C GLY A 190 -12.70 -18.30 2.58
N ALA A 191 -13.09 -17.58 3.64
CA ALA A 191 -13.49 -16.17 3.50
C ALA A 191 -12.26 -15.28 3.47
N PHE A 192 -12.31 -14.22 2.67
CA PHE A 192 -11.23 -13.23 2.56
C PHE A 192 -11.55 -12.17 3.60
N GLN A 193 -10.63 -11.92 4.53
CA GLN A 193 -10.87 -10.90 5.56
C GLN A 193 -9.70 -9.94 5.61
N ALA A 194 -9.92 -8.78 6.22
CA ALA A 194 -8.88 -7.77 6.35
C ALA A 194 -8.38 -7.80 7.80
N VAL A 195 -7.11 -7.46 8.02
CA VAL A 195 -6.57 -7.43 9.37
C VAL A 195 -5.38 -6.47 9.42
N SER A 196 -5.30 -5.68 10.49
CA SER A 196 -4.16 -4.80 10.67
C SER A 196 -3.04 -5.53 11.39
N VAL A 197 -1.83 -5.42 10.86
CA VAL A 197 -0.65 -6.00 11.49
C VAL A 197 0.08 -4.76 12.02
N TYR A 198 0.45 -4.79 13.30
CA TYR A 198 1.07 -3.61 13.87
C TYR A 198 2.20 -3.87 14.83
N SER A 199 2.93 -2.82 15.15
CA SER A 199 4.05 -2.90 16.09
C SER A 199 4.03 -1.68 17.00
N ASP A 200 4.18 -1.93 18.28
CA ASP A 200 4.23 -0.87 19.26
C ASP A 200 5.66 -0.66 19.76
N ASP A 201 6.61 -1.40 19.21
CA ASP A 201 8.00 -1.28 19.64
C ASP A 201 8.96 -0.94 18.48
N HIS A 202 8.44 -0.13 17.56
CA HIS A 202 9.17 0.35 16.39
C HIS A 202 9.68 -0.72 15.46
N GLY A 203 8.90 -1.78 15.30
CA GLY A 203 9.29 -2.83 14.39
C GLY A 203 9.99 -4.05 14.93
N ARG A 204 10.25 -4.09 16.24
CA ARG A 204 10.90 -5.26 16.83
C ARG A 204 9.97 -6.47 16.73
N THR A 205 8.73 -6.29 17.15
CA THR A 205 7.78 -7.38 17.08
C THR A 205 6.53 -6.90 16.38
N TRP A 206 5.95 -7.77 15.56
CA TRP A 206 4.74 -7.46 14.81
C TRP A 206 3.66 -8.43 15.27
N ARG A 207 2.44 -7.94 15.38
CA ARG A 207 1.33 -8.81 15.77
C ARG A 207 0.06 -8.41 15.01
N ALA A 208 -0.87 -9.35 14.88
CA ALA A 208 -2.10 -9.13 14.15
C ALA A 208 -3.24 -8.72 15.08
N GLY A 209 -4.17 -7.92 14.56
CA GLY A 209 -5.34 -7.52 15.32
C GLY A 209 -6.42 -8.54 15.00
N GLU A 210 -7.67 -8.16 15.21
CA GLU A 210 -8.79 -9.04 14.92
C GLU A 210 -9.19 -8.86 13.47
N ALA A 211 -9.48 -9.96 12.78
CA ALA A 211 -9.89 -9.91 11.38
C ALA A 211 -11.27 -9.25 11.24
N VAL A 212 -11.53 -8.62 10.10
CA VAL A 212 -12.80 -7.95 9.84
C VAL A 212 -13.38 -8.27 8.46
N GLY A 213 -14.70 -8.29 8.42
CA GLY A 213 -15.44 -8.50 7.18
C GLY A 213 -15.32 -9.80 6.42
N VAL A 214 -16.01 -9.83 5.30
CA VAL A 214 -16.04 -10.97 4.40
C VAL A 214 -16.00 -10.29 3.03
N GLY A 215 -15.52 -10.99 2.00
CA GLY A 215 -15.43 -10.39 0.69
C GLY A 215 -14.45 -9.23 0.67
N MET A 216 -13.44 -9.31 1.52
CA MET A 216 -12.42 -8.26 1.62
C MET A 216 -11.27 -8.57 0.66
N ASP A 217 -10.30 -7.67 0.58
CA ASP A 217 -9.11 -7.86 -0.27
C ASP A 217 -8.12 -6.77 0.14
N GLU A 218 -7.21 -6.38 -0.76
CA GLU A 218 -6.24 -5.34 -0.46
C GLU A 218 -6.97 -4.17 0.18
N ASN A 219 -6.43 -3.71 1.29
CA ASN A 219 -7.08 -2.66 2.04
C ASN A 219 -6.06 -1.72 2.66
N LYS A 220 -6.46 -0.48 2.91
CA LYS A 220 -5.55 0.53 3.44
C LYS A 220 -6.15 1.20 4.67
N THR A 221 -5.31 1.80 5.50
CA THR A 221 -5.82 2.49 6.68
C THR A 221 -5.24 3.91 6.75
N VAL A 222 -5.97 4.82 7.40
CA VAL A 222 -5.52 6.20 7.59
C VAL A 222 -5.99 6.62 8.95
N GLU A 223 -5.26 7.55 9.55
CA GLU A 223 -5.62 8.08 10.86
C GLU A 223 -6.41 9.39 10.62
N LEU A 224 -7.63 9.42 11.13
CA LEU A 224 -8.48 10.59 11.00
C LEU A 224 -8.10 11.69 12.00
N SER A 225 -8.69 12.87 11.84
CA SER A 225 -8.38 14.02 12.70
C SER A 225 -8.63 13.79 14.20
N ASP A 226 -9.43 12.78 14.53
CA ASP A 226 -9.73 12.47 15.90
C ASP A 226 -9.03 11.21 16.41
N GLY A 227 -8.13 10.67 15.60
CA GLY A 227 -7.41 9.49 16.04
C GLY A 227 -8.04 8.17 15.63
N ARG A 228 -9.28 8.20 15.14
CA ARG A 228 -9.92 6.96 14.71
C ARG A 228 -9.17 6.48 13.45
N VAL A 229 -9.13 5.17 13.25
CA VAL A 229 -8.43 4.61 12.10
C VAL A 229 -9.47 4.15 11.07
N LEU A 230 -9.43 4.76 9.88
CA LEU A 230 -10.35 4.41 8.82
C LEU A 230 -9.75 3.34 7.89
N LEU A 231 -10.50 2.25 7.67
CA LEU A 231 -10.08 1.17 6.80
C LEU A 231 -10.89 1.29 5.48
N ASN A 232 -10.18 1.23 4.36
CA ASN A 232 -10.78 1.37 3.03
C ASN A 232 -10.30 0.15 2.24
N SER A 233 -11.24 -0.70 1.81
CA SER A 233 -10.91 -1.95 1.14
C SER A 233 -11.47 -2.22 -0.25
N ARG A 234 -10.72 -3.02 -1.00
CA ARG A 234 -11.14 -3.48 -2.32
C ARG A 234 -12.20 -4.50 -1.92
N ASP A 235 -13.22 -4.65 -2.74
CA ASP A 235 -14.30 -5.58 -2.44
C ASP A 235 -14.14 -6.82 -3.34
N SER A 236 -13.73 -7.95 -2.77
CA SER A 236 -13.55 -9.14 -3.62
C SER A 236 -14.91 -9.72 -4.04
N ALA A 237 -15.98 -9.22 -3.42
CA ALA A 237 -17.34 -9.64 -3.78
C ALA A 237 -17.90 -8.75 -4.92
N ARG A 238 -17.06 -7.84 -5.41
CA ARG A 238 -17.40 -6.96 -6.54
C ARG A 238 -18.71 -6.15 -6.51
N SER A 239 -18.91 -5.37 -5.46
CA SER A 239 -20.12 -4.56 -5.37
C SER A 239 -20.13 -3.42 -6.39
N GLY A 240 -18.94 -3.00 -6.80
CA GLY A 240 -18.77 -1.88 -7.69
C GLY A 240 -18.32 -0.68 -6.87
N TYR A 241 -18.01 -0.91 -5.58
CA TYR A 241 -17.60 0.19 -4.69
C TYR A 241 -16.55 -0.25 -3.69
N ARG A 242 -16.01 0.70 -2.93
CA ARG A 242 -15.02 0.40 -1.90
C ARG A 242 -15.80 0.06 -0.63
N LYS A 243 -15.20 -0.74 0.23
CA LYS A 243 -15.82 -1.09 1.50
C LYS A 243 -15.06 -0.30 2.56
N VAL A 244 -15.74 0.11 3.61
CA VAL A 244 -15.09 0.89 4.66
C VAL A 244 -15.47 0.42 6.07
N ALA A 245 -14.58 0.65 7.03
CA ALA A 245 -14.83 0.31 8.43
C ALA A 245 -13.94 1.23 9.26
N VAL A 246 -14.28 1.40 10.54
CA VAL A 246 -13.48 2.26 11.39
C VAL A 246 -13.11 1.58 12.70
N SER A 247 -11.94 1.94 13.22
CA SER A 247 -11.43 1.42 14.47
C SER A 247 -11.27 2.57 15.46
N THR A 248 -11.69 2.35 16.70
CA THR A 248 -11.56 3.35 17.75
C THR A 248 -10.51 2.86 18.73
N ASP A 249 -9.80 1.79 18.38
CA ASP A 249 -8.80 1.25 19.30
C ASP A 249 -7.35 1.05 18.84
N GLY A 250 -6.67 0.31 19.71
CA GLY A 250 -5.28 -0.10 19.60
C GLY A 250 -5.44 -1.48 20.18
N GLY A 251 -5.03 -2.47 19.41
CA GLY A 251 -5.26 -3.87 19.74
C GLY A 251 -6.43 -4.03 18.77
N HIS A 252 -6.21 -3.39 17.63
CA HIS A 252 -7.14 -3.28 16.55
C HIS A 252 -8.24 -4.25 16.26
N SER A 253 -9.41 -3.65 16.23
CA SER A 253 -10.66 -4.29 15.90
C SER A 253 -11.37 -3.15 15.18
N TYR A 254 -12.23 -3.51 14.24
CA TYR A 254 -12.98 -2.54 13.46
C TYR A 254 -14.45 -2.82 13.61
N GLY A 255 -15.26 -1.81 13.33
CA GLY A 255 -16.69 -1.94 13.40
C GLY A 255 -17.22 -2.59 12.13
N PRO A 256 -18.54 -2.55 11.88
CA PRO A 256 -19.10 -3.16 10.67
C PRO A 256 -18.59 -2.54 9.38
N VAL A 257 -18.55 -3.37 8.35
CA VAL A 257 -18.11 -3.00 7.02
C VAL A 257 -19.31 -2.61 6.19
N THR A 258 -19.22 -1.49 5.48
CA THR A 258 -20.32 -1.09 4.63
C THR A 258 -19.73 -0.64 3.31
N ILE A 259 -20.56 -0.60 2.26
CA ILE A 259 -20.14 -0.14 0.93
C ILE A 259 -20.25 1.39 0.91
N ASP A 260 -19.25 2.06 0.31
CA ASP A 260 -19.26 3.52 0.23
C ASP A 260 -19.62 3.90 -1.22
N ARG A 261 -20.86 4.34 -1.44
CA ARG A 261 -21.30 4.68 -2.79
C ARG A 261 -20.57 5.89 -3.38
N ASP A 262 -19.87 6.67 -2.54
CA ASP A 262 -19.12 7.83 -3.05
C ASP A 262 -17.82 7.39 -3.74
N LEU A 263 -17.45 6.13 -3.53
CA LEU A 263 -16.21 5.62 -4.09
C LEU A 263 -16.35 4.41 -5.03
N PRO A 264 -16.77 4.65 -6.30
CA PRO A 264 -16.92 3.56 -7.27
C PRO A 264 -15.54 2.93 -7.49
N ASP A 265 -15.52 1.63 -7.76
CA ASP A 265 -14.25 0.91 -7.91
C ASP A 265 -14.53 -0.39 -8.64
N PRO A 266 -13.64 -0.79 -9.57
CA PRO A 266 -13.85 -2.03 -10.32
C PRO A 266 -13.21 -3.27 -9.71
N THR A 267 -12.97 -3.24 -8.39
CA THR A 267 -12.31 -4.33 -7.65
C THR A 267 -10.83 -4.26 -8.07
N ASN A 268 -10.13 -3.34 -7.42
CA ASN A 268 -8.77 -3.00 -7.75
C ASN A 268 -8.16 -2.30 -6.52
N ASN A 269 -6.83 -2.20 -6.46
CA ASN A 269 -6.16 -1.56 -5.32
C ASN A 269 -6.36 -0.04 -5.42
N ALA A 270 -6.21 0.67 -4.31
CA ALA A 270 -6.41 2.12 -4.24
C ALA A 270 -5.55 2.63 -3.11
N SER A 271 -5.48 3.94 -2.95
CA SER A 271 -4.67 4.52 -1.90
C SER A 271 -5.43 5.65 -1.25
N ILE A 272 -5.25 5.83 0.07
CA ILE A 272 -5.91 6.90 0.81
C ILE A 272 -4.91 7.46 1.81
N ILE A 273 -4.68 8.77 1.77
CA ILE A 273 -3.72 9.38 2.69
C ILE A 273 -4.18 10.72 3.30
N ARG A 274 -3.48 11.14 4.34
CA ARG A 274 -3.72 12.42 4.98
C ARG A 274 -2.96 13.45 4.13
N ALA A 275 -3.65 14.51 3.69
CA ALA A 275 -3.02 15.56 2.89
C ALA A 275 -1.98 16.31 3.74
N PHE A 276 -2.27 16.47 5.02
CA PHE A 276 -1.39 17.16 5.96
C PHE A 276 -1.14 16.21 7.13
N PRO A 277 -0.18 15.29 6.95
CA PRO A 277 0.16 14.30 7.97
C PRO A 277 0.60 14.81 9.34
N ASP A 278 1.12 16.03 9.39
CA ASP A 278 1.62 16.62 10.63
C ASP A 278 0.68 17.59 11.32
N ALA A 279 -0.53 17.75 10.80
CA ALA A 279 -1.49 18.68 11.40
C ALA A 279 -1.96 18.18 12.78
N PRO A 280 -2.15 19.12 13.74
CA PRO A 280 -2.61 18.73 15.07
C PRO A 280 -4.01 18.14 15.08
N ALA A 281 -4.26 17.25 16.03
CA ALA A 281 -5.55 16.58 16.16
C ALA A 281 -6.71 17.58 16.20
N GLY A 282 -7.76 17.27 15.45
CA GLY A 282 -8.93 18.13 15.43
C GLY A 282 -8.87 19.42 14.62
N SER A 283 -7.73 19.74 14.03
CA SER A 283 -7.64 20.95 13.24
C SER A 283 -8.27 20.74 11.88
N ALA A 284 -8.62 21.81 11.20
CA ALA A 284 -9.21 21.73 9.87
C ALA A 284 -8.32 20.93 8.91
N ARG A 285 -7.02 21.23 8.95
CA ARG A 285 -6.05 20.56 8.10
C ARG A 285 -5.95 19.06 8.33
N ALA A 286 -6.16 18.62 9.56
CA ALA A 286 -6.10 17.21 9.91
C ALA A 286 -7.25 16.39 9.33
N LYS A 287 -8.30 17.06 8.84
CA LYS A 287 -9.47 16.36 8.28
C LYS A 287 -9.42 16.13 6.78
N VAL A 288 -8.35 16.61 6.16
CA VAL A 288 -8.19 16.51 4.71
C VAL A 288 -7.55 15.20 4.26
N LEU A 289 -8.25 14.49 3.38
CA LEU A 289 -7.82 13.21 2.85
C LEU A 289 -7.74 13.25 1.33
N LEU A 290 -6.83 12.45 0.76
CA LEU A 290 -6.68 12.32 -0.69
C LEU A 290 -6.86 10.83 -0.94
N PHE A 291 -7.56 10.49 -2.02
CA PHE A 291 -7.82 9.10 -2.38
C PHE A 291 -7.58 8.92 -3.87
N SER A 292 -6.88 7.86 -4.25
CA SER A 292 -6.62 7.61 -5.67
C SER A 292 -7.08 6.22 -6.06
N ASN A 293 -7.78 6.11 -7.19
CA ASN A 293 -8.22 4.80 -7.65
C ASN A 293 -8.72 4.89 -9.08
N ALA A 294 -9.15 3.74 -9.63
CA ALA A 294 -9.73 3.68 -10.96
C ALA A 294 -11.22 3.89 -10.68
N ALA A 295 -11.78 4.98 -11.18
CA ALA A 295 -13.19 5.29 -10.92
C ALA A 295 -14.21 4.54 -11.75
N SER A 296 -13.78 3.91 -12.84
CA SER A 296 -14.69 3.13 -13.66
C SER A 296 -15.17 1.89 -12.90
N GLN A 297 -16.43 1.52 -13.04
CA GLN A 297 -16.93 0.32 -12.36
C GLN A 297 -16.84 -0.90 -13.25
N THR A 298 -16.46 -0.72 -14.49
CA THR A 298 -16.39 -1.83 -15.42
C THR A 298 -14.99 -2.23 -15.86
N SER A 299 -14.02 -1.37 -15.61
CA SER A 299 -12.64 -1.67 -16.00
C SER A 299 -11.66 -0.85 -15.19
N ARG A 300 -10.40 -1.24 -15.24
CA ARG A 300 -9.35 -0.52 -14.54
C ARG A 300 -8.88 0.64 -15.41
N SER A 301 -9.62 1.75 -15.32
CA SER A 301 -9.32 2.95 -16.09
C SER A 301 -9.92 4.15 -15.39
N GLN A 302 -9.69 5.33 -15.95
CA GLN A 302 -10.19 6.57 -15.38
C GLN A 302 -9.65 6.79 -13.96
N GLY A 303 -8.32 6.80 -13.86
CA GLY A 303 -7.67 7.03 -12.58
C GLY A 303 -8.01 8.44 -12.12
N THR A 304 -8.54 8.55 -10.91
CA THR A 304 -8.87 9.87 -10.40
C THR A 304 -8.46 10.05 -8.96
N ILE A 305 -8.21 11.32 -8.62
CA ILE A 305 -7.84 11.67 -7.25
C ILE A 305 -9.03 12.42 -6.69
N ARG A 306 -9.47 12.03 -5.49
CA ARG A 306 -10.58 12.69 -4.83
C ARG A 306 -10.05 13.28 -3.52
N MET A 307 -10.67 14.38 -3.08
CA MET A 307 -10.29 15.02 -1.84
C MET A 307 -11.51 15.20 -0.94
N SER A 308 -11.30 14.91 0.33
CA SER A 308 -12.32 15.08 1.36
C SER A 308 -11.76 16.07 2.35
N CYS A 309 -12.62 16.93 2.89
CA CYS A 309 -12.19 17.92 3.86
C CYS A 309 -12.88 17.65 5.18
N ASP A 310 -13.52 16.49 5.28
CA ASP A 310 -14.26 16.14 6.49
C ASP A 310 -14.06 14.70 6.97
N ASP A 311 -12.80 14.27 7.02
CA ASP A 311 -12.44 12.92 7.47
C ASP A 311 -13.05 11.80 6.65
N GLY A 312 -13.25 12.04 5.37
CA GLY A 312 -13.78 11.02 4.49
C GLY A 312 -15.29 10.89 4.43
N GLN A 313 -16.02 11.82 5.02
CA GLN A 313 -17.48 11.74 4.98
C GLN A 313 -17.99 12.07 3.55
N THR A 314 -17.44 13.11 2.96
CA THR A 314 -17.83 13.50 1.60
C THR A 314 -16.55 13.73 0.82
N TRP A 315 -16.65 13.66 -0.50
CA TRP A 315 -15.50 13.84 -1.38
C TRP A 315 -15.94 14.83 -2.45
N PRO A 316 -16.06 16.13 -2.07
CA PRO A 316 -16.50 17.17 -3.01
C PRO A 316 -15.64 17.50 -4.20
N VAL A 317 -14.36 17.13 -4.17
CA VAL A 317 -13.46 17.45 -5.26
C VAL A 317 -12.83 16.23 -5.88
N SER A 318 -12.80 16.19 -7.20
CA SER A 318 -12.19 15.06 -7.88
C SER A 318 -11.64 15.49 -9.23
N LYS A 319 -10.55 14.87 -9.66
CA LYS A 319 -9.96 15.15 -10.96
C LYS A 319 -9.33 13.89 -11.51
N VAL A 320 -9.55 13.64 -12.80
CA VAL A 320 -9.00 12.47 -13.49
C VAL A 320 -7.55 12.77 -13.83
N PHE A 321 -6.64 11.87 -13.45
CA PHE A 321 -5.22 12.04 -13.78
C PHE A 321 -4.84 11.12 -14.95
N GLN A 322 -5.64 10.09 -15.18
CA GLN A 322 -5.35 9.15 -16.25
C GLN A 322 -6.66 8.65 -16.82
N PRO A 323 -7.09 9.25 -17.95
CA PRO A 323 -8.33 8.86 -18.61
C PRO A 323 -8.35 7.41 -19.07
N GLY A 324 -7.18 6.90 -19.46
CA GLY A 324 -7.09 5.54 -19.92
C GLY A 324 -6.81 4.47 -18.88
N SER A 325 -6.09 3.44 -19.31
CA SER A 325 -5.73 2.31 -18.45
C SER A 325 -5.03 2.79 -17.17
N MET A 326 -5.48 2.25 -16.04
CA MET A 326 -4.92 2.64 -14.75
C MET A 326 -5.33 1.58 -13.74
N SER A 327 -4.37 0.78 -13.30
CA SER A 327 -4.64 -0.25 -12.31
C SER A 327 -4.30 0.20 -10.89
N TYR A 328 -3.21 -0.29 -10.33
CA TYR A 328 -2.84 0.09 -8.96
C TYR A 328 -2.20 1.48 -8.87
N SER A 329 -2.45 2.19 -7.77
CA SER A 329 -1.85 3.50 -7.57
C SER A 329 -1.62 3.71 -6.08
N THR A 330 -0.58 4.45 -5.73
CA THR A 330 -0.24 4.77 -4.33
C THR A 330 0.13 6.23 -4.26
N LEU A 331 -0.20 6.86 -3.15
CA LEU A 331 0.09 8.26 -2.90
C LEU A 331 1.00 8.47 -1.68
N THR A 332 1.81 9.53 -1.71
CA THR A 332 2.63 9.88 -0.55
C THR A 332 2.74 11.40 -0.52
N ALA A 333 2.81 11.98 0.68
CA ALA A 333 2.96 13.43 0.83
C ALA A 333 4.45 13.72 0.75
N LEU A 334 4.84 14.66 -0.11
CA LEU A 334 6.26 15.01 -0.27
C LEU A 334 6.61 16.19 0.63
N PRO A 335 7.90 16.33 0.98
CA PRO A 335 8.36 17.42 1.85
C PRO A 335 8.12 18.83 1.34
N ASP A 336 8.03 19.01 0.03
CA ASP A 336 7.80 20.34 -0.52
C ASP A 336 6.32 20.71 -0.57
N GLY A 337 5.47 19.91 0.05
CA GLY A 337 4.06 20.21 0.07
C GLY A 337 3.26 19.66 -1.09
N THR A 338 3.93 19.01 -2.04
CA THR A 338 3.24 18.44 -3.18
C THR A 338 3.01 16.95 -2.90
N TYR A 339 2.46 16.22 -3.86
CA TYR A 339 2.18 14.80 -3.65
C TYR A 339 2.72 13.91 -4.76
N GLY A 340 3.24 12.76 -4.35
CA GLY A 340 3.78 11.78 -5.27
C GLY A 340 2.75 10.69 -5.52
N LEU A 341 2.69 10.22 -6.76
CA LEU A 341 1.72 9.21 -7.17
C LEU A 341 2.43 8.17 -8.02
N LEU A 342 2.49 6.92 -7.56
CA LEU A 342 3.11 5.84 -8.35
C LEU A 342 1.95 5.00 -8.86
N TYR A 343 1.86 4.80 -10.17
CA TYR A 343 0.74 4.02 -10.68
C TYR A 343 1.06 3.14 -11.87
N GLU A 344 0.12 2.25 -12.22
CA GLU A 344 0.30 1.32 -13.33
C GLU A 344 -0.50 1.72 -14.55
N PRO A 345 0.17 2.26 -15.60
CA PRO A 345 -0.54 2.66 -16.83
C PRO A 345 -0.69 1.50 -17.82
N GLY A 346 -0.25 0.31 -17.45
CA GLY A 346 -0.35 -0.84 -18.33
C GLY A 346 0.97 -1.20 -18.97
N THR A 347 1.92 -0.27 -18.92
CA THR A 347 3.23 -0.47 -19.53
C THR A 347 4.35 -0.67 -18.51
N GLY A 348 4.00 -0.70 -17.23
CA GLY A 348 5.00 -0.87 -16.20
C GLY A 348 4.62 0.05 -15.05
N ILE A 349 5.55 0.85 -14.56
CA ILE A 349 5.19 1.75 -13.46
C ILE A 349 5.59 3.20 -13.78
N ARG A 350 4.70 4.12 -13.45
CA ARG A 350 4.88 5.54 -13.72
C ARG A 350 4.75 6.40 -12.46
N TYR A 351 5.61 7.41 -12.35
CA TYR A 351 5.59 8.32 -11.20
C TYR A 351 5.03 9.66 -11.66
N ALA A 352 4.10 10.22 -10.87
CA ALA A 352 3.50 11.50 -11.18
C ALA A 352 3.65 12.35 -9.93
N ASN A 353 3.64 13.66 -10.13
CA ASN A 353 3.77 14.62 -9.03
C ASN A 353 2.74 15.69 -9.31
N PHE A 354 1.91 16.00 -8.32
CA PHE A 354 0.89 17.04 -8.48
C PHE A 354 0.73 17.83 -7.19
N ASN A 355 0.10 18.99 -7.28
CA ASN A 355 -0.14 19.80 -6.09
C ASN A 355 -1.65 20.04 -5.95
N LEU A 356 -2.07 20.61 -4.83
CA LEU A 356 -3.49 20.86 -4.59
C LEU A 356 -4.12 21.81 -5.58
N ALA A 357 -3.38 22.83 -6.02
CA ALA A 357 -3.92 23.77 -7.02
C ALA A 357 -4.38 23.04 -8.28
N TRP A 358 -3.69 21.96 -8.63
CA TRP A 358 -4.04 21.18 -9.80
C TRP A 358 -5.42 20.54 -9.65
N LEU A 359 -5.77 20.11 -8.44
CA LEU A 359 -7.07 19.50 -8.17
C LEU A 359 -8.21 20.46 -8.49
N GLY A 360 -7.92 21.76 -8.37
CA GLY A 360 -8.91 22.78 -8.71
C GLY A 360 -9.98 23.15 -7.72
N GLY A 361 -11.17 22.57 -7.92
CA GLY A 361 -12.30 22.89 -7.07
C GLY A 361 -13.00 24.10 -7.66
N ILE A 362 -12.59 25.28 -7.23
CA ILE A 362 -13.18 26.53 -7.70
C ILE A 362 -12.36 27.16 -8.83
N CYS A 363 -13.05 27.74 -9.80
CA CYS A 363 -12.40 28.38 -10.94
C CYS A 363 -12.09 29.84 -10.59
N ALA A 364 -11.27 30.03 -9.56
CA ALA A 364 -10.88 31.35 -9.08
C ALA A 364 -9.90 32.05 -10.02
N PRO A 365 -9.67 33.37 -9.82
CA PRO A 365 -10.25 34.25 -8.80
C PRO A 365 -11.66 34.77 -9.11
#